data_3GNP
#
_entry.id   3GNP
#
_cell.length_a   57.185
_cell.length_b   91.093
_cell.length_c   111.359
_cell.angle_alpha   90.00
_cell.angle_beta   90.00
_cell.angle_gamma   90.00
#
_symmetry.space_group_name_H-M   'P 21 21 21'
#
loop_
_entity.id
_entity.type
_entity.pdbx_description
1 polymer 'Os03g0212800 protein'
2 non-polymer 'octyl 1-thio-beta-D-glucopyranoside'
3 non-polymer GLYCEROL
4 water water
#
_entity_poly.entity_id   1
_entity_poly.type   'polypeptide(L)'
_entity_poly.pdbx_seq_one_letter_code
;SFTMAQQSGGGLTRGSFPEGFVFGTASAAYQYEGAVKEDGRGQTIWDTFAHTFGKITDFSNADVAVDQYHRFEEDIQLMA
DMGMDAYRFSIAWSRIYPNGVGQVNQAGIDHYNKLIDALLAKGIQPYVTLYHWDLPQALEDKYKGWLDRQIVDDFAAYAE
TCFREFGDRVKHWITLNEPHTVAIQGYDAGLQAPGRCSVLLHLYCKAGNSGTEPYVVAHHFILAHAAAASIYRTKYKATQ
NGQLGIAFDVMWFEPMSNTTIDIEAAKRAQEFQLGWFADPFFFGDYPATMRARVGERLPRFTADEAAVVKGALDFVGINH
YTTYYTRHNNTNIIGTLLNNTLADTGTVSLPFKNGKPIGDRANSIWLYIVPRGMRSLMNYVKERYNSPPVYITENGMDDS
NNPFISIKDALKDSKRIKYHNDYLTNLAASIKEDGCDVRGYFAWSLLDNWEWAAGYSSRFGLYFVDYKDNLKRYPKNSVQ
WFKALLKT
;
_entity_poly.pdbx_strand_id   A
#
loop_
_chem_comp.id
_chem_comp.type
_chem_comp.name
_chem_comp.formula
GOL non-polymer GLYCEROL 'C3 H8 O3'
SOG D-saccharide 'octyl 1-thio-beta-D-glucopyranoside' 'C14 H28 O5 S'
#
# COMPACT_ATOMS: atom_id res chain seq x y z
N GLY A 11 10.11 -24.37 -13.65
CA GLY A 11 10.40 -23.46 -12.48
C GLY A 11 9.34 -23.57 -11.39
N LEU A 12 8.67 -22.44 -11.12
CA LEU A 12 7.67 -22.41 -10.06
C LEU A 12 6.36 -22.95 -10.54
N THR A 13 5.65 -23.62 -9.64
CA THR A 13 4.27 -24.02 -9.85
C THR A 13 3.54 -23.74 -8.54
N ARG A 14 2.25 -24.02 -8.48
CA ARG A 14 1.53 -23.91 -7.20
C ARG A 14 2.14 -24.79 -6.15
N GLY A 15 2.66 -25.91 -6.60
CA GLY A 15 3.33 -26.87 -5.72
C GLY A 15 4.58 -26.37 -5.05
N SER A 16 5.14 -25.26 -5.52
CA SER A 16 6.32 -24.68 -4.90
C SER A 16 5.96 -23.97 -3.57
N PHE A 17 4.66 -23.76 -3.38
CA PHE A 17 4.05 -23.02 -2.24
C PHE A 17 3.17 -23.93 -1.40
N PRO A 18 2.89 -23.56 -0.13
CA PRO A 18 2.04 -24.41 0.71
C PRO A 18 0.65 -24.65 0.12
N GLU A 19 0.05 -25.78 0.47
CA GLU A 19 -1.31 -26.04 0.04
C GLU A 19 -2.21 -24.89 0.48
N GLY A 20 -3.10 -24.48 -0.41
CA GLY A 20 -4.03 -23.39 -0.17
C GLY A 20 -3.41 -21.99 -0.28
N PHE A 21 -2.14 -21.90 -0.70
CA PHE A 21 -1.46 -20.58 -0.82
C PHE A 21 -2.28 -19.77 -1.81
N VAL A 22 -2.53 -18.50 -1.49
CA VAL A 22 -3.44 -17.65 -2.26
C VAL A 22 -2.68 -16.76 -3.25
N PHE A 23 -3.00 -16.86 -4.55
CA PHE A 23 -2.50 -15.95 -5.60
C PHE A 23 -3.54 -14.98 -6.11
N GLY A 24 -3.13 -13.73 -6.29
CA GLY A 24 -4.09 -12.67 -6.66
C GLY A 24 -3.38 -11.54 -7.39
N THR A 25 -4.19 -10.57 -7.83
CA THR A 25 -3.70 -9.29 -8.31
C THR A 25 -4.31 -8.21 -7.41
N ALA A 26 -3.69 -7.04 -7.39
CA ALA A 26 -4.12 -5.96 -6.53
C ALA A 26 -4.44 -4.69 -7.36
N SER A 27 -5.34 -3.88 -6.83
CA SER A 27 -5.78 -2.64 -7.45
C SER A 27 -6.13 -1.68 -6.31
N ALA A 28 -6.49 -0.44 -6.66
CA ALA A 28 -6.96 0.54 -5.70
C ALA A 28 -7.99 1.40 -6.43
N ALA A 29 -8.97 1.90 -5.67
CA ALA A 29 -10.17 2.50 -6.25
C ALA A 29 -9.82 3.74 -7.05
N TYR A 30 -9.04 4.65 -6.46
CA TYR A 30 -8.81 5.90 -7.16
C TYR A 30 -7.96 5.72 -8.42
N GLN A 31 -7.04 4.76 -8.37
CA GLN A 31 -6.19 4.44 -9.52
C GLN A 31 -6.89 3.70 -10.68
N TYR A 32 -8.05 3.08 -10.39
CA TYR A 32 -8.71 2.18 -11.35
C TYR A 32 -10.11 2.63 -11.74
N GLU A 33 -10.88 3.14 -10.79
CA GLU A 33 -12.34 3.18 -11.01
C GLU A 33 -12.86 4.20 -12.03
N GLY A 34 -12.30 5.40 -12.02
CA GLY A 34 -12.97 6.53 -12.69
C GLY A 34 -14.35 6.82 -12.13
N ALA A 35 -15.28 7.30 -12.97
CA ALA A 35 -16.63 7.63 -12.54
C ALA A 35 -16.61 8.47 -11.25
N VAL A 36 -15.79 9.52 -11.23
CA VAL A 36 -15.51 10.23 -9.98
C VAL A 36 -16.69 11.04 -9.47
N LYS A 37 -17.65 11.31 -10.36
CA LYS A 37 -18.80 12.13 -10.02
C LYS A 37 -20.10 11.36 -10.11
N GLU A 38 -19.99 10.06 -10.34
CA GLU A 38 -21.11 9.20 -10.64
C GLU A 38 -21.69 8.58 -9.35
N ASP A 39 -23.01 8.45 -9.33
CA ASP A 39 -23.73 7.77 -8.25
C ASP A 39 -23.49 8.31 -6.86
N GLY A 40 -23.41 9.63 -6.74
CA GLY A 40 -23.34 10.29 -5.44
C GLY A 40 -21.95 10.37 -4.84
N ARG A 41 -20.92 9.90 -5.55
CA ARG A 41 -19.56 9.89 -4.98
C ARG A 41 -19.12 11.26 -4.49
N GLY A 42 -18.62 11.31 -3.26
CA GLY A 42 -18.06 12.55 -2.71
C GLY A 42 -16.64 12.86 -3.22
N GLN A 43 -16.29 14.15 -3.27
CA GLN A 43 -14.94 14.58 -3.57
C GLN A 43 -13.92 14.05 -2.56
N THR A 44 -12.74 13.68 -3.02
CA THR A 44 -11.69 13.22 -2.10
C THR A 44 -10.47 14.14 -2.17
N ILE A 45 -9.58 13.98 -1.21
CA ILE A 45 -8.35 14.77 -1.23
C ILE A 45 -7.51 14.49 -2.49
N TRP A 46 -7.72 13.33 -3.12
CA TRP A 46 -6.98 13.03 -4.36
C TRP A 46 -7.66 13.65 -5.59
N ASP A 47 -8.97 13.85 -5.56
CA ASP A 47 -9.60 14.65 -6.62
C ASP A 47 -9.06 16.08 -6.56
N THR A 48 -8.98 16.63 -5.35
CA THR A 48 -8.49 17.99 -5.18
C THR A 48 -7.04 18.09 -5.68
N PHE A 49 -6.21 17.14 -5.23
CA PHE A 49 -4.76 17.13 -5.54
C PHE A 49 -4.51 16.96 -7.03
N ALA A 50 -5.21 16.00 -7.63
CA ALA A 50 -5.07 15.73 -9.09
C ALA A 50 -5.50 16.92 -9.94
N HIS A 51 -6.38 17.76 -9.39
CA HIS A 51 -6.85 18.93 -10.10
C HIS A 51 -6.15 20.22 -9.64
N THR A 52 -4.99 20.06 -9.01
CA THR A 52 -4.19 21.21 -8.60
C THR A 52 -2.93 21.26 -9.43
N PHE A 53 -2.60 22.46 -9.93
CA PHE A 53 -1.41 22.63 -10.77
C PHE A 53 -0.17 22.14 -10.02
N GLY A 54 0.69 21.43 -10.75
CA GLY A 54 2.03 21.08 -10.25
C GLY A 54 2.11 19.75 -9.52
N LYS A 55 0.98 19.14 -9.26
CA LYS A 55 0.93 18.02 -8.34
C LYS A 55 1.15 16.68 -9.04
N ILE A 56 0.73 16.58 -10.30
CA ILE A 56 0.87 15.35 -11.04
C ILE A 56 1.80 15.61 -12.22
N THR A 57 2.80 14.74 -12.38
CA THR A 57 3.96 15.07 -13.21
C THR A 57 3.60 15.20 -14.68
N ASP A 58 2.57 14.46 -15.11
CA ASP A 58 2.20 14.41 -16.50
C ASP A 58 0.88 15.15 -16.77
N PHE A 59 0.48 16.00 -15.82
CA PHE A 59 -0.72 16.85 -15.96
C PHE A 59 -2.02 16.04 -16.04
N SER A 60 -1.97 14.77 -15.62
CA SER A 60 -3.13 13.89 -15.83
C SER A 60 -3.98 13.80 -14.57
N ASN A 61 -5.13 13.13 -14.70
CA ASN A 61 -5.98 12.89 -13.55
C ASN A 61 -6.66 11.52 -13.71
N ALA A 62 -7.41 11.12 -12.69
CA ALA A 62 -8.02 9.81 -12.69
C ALA A 62 -9.54 9.94 -12.77
N ASP A 63 -10.02 10.98 -13.46
CA ASP A 63 -11.48 11.20 -13.54
C ASP A 63 -12.14 10.01 -14.21
N VAL A 64 -11.43 9.44 -15.19
CA VAL A 64 -11.86 8.22 -15.88
C VAL A 64 -10.96 7.02 -15.51
N ALA A 65 -9.66 7.27 -15.39
CA ALA A 65 -8.68 6.25 -14.99
C ALA A 65 -8.78 5.10 -16.00
N VAL A 66 -8.94 3.84 -15.56
CA VAL A 66 -9.19 2.75 -16.53
C VAL A 66 -10.66 2.28 -16.52
N ASP A 67 -11.51 3.07 -15.90
CA ASP A 67 -12.96 2.92 -15.93
C ASP A 67 -13.42 1.59 -15.35
N GLN A 68 -12.68 1.06 -14.37
CA GLN A 68 -13.12 -0.20 -13.77
C GLN A 68 -14.51 -0.11 -13.12
N TYR A 69 -14.98 1.08 -12.72
CA TYR A 69 -16.33 1.18 -12.14
C TYR A 69 -17.39 0.58 -13.10
N HIS A 70 -17.13 0.68 -14.41
CA HIS A 70 -18.09 0.23 -15.41
C HIS A 70 -17.65 -1.06 -16.05
N ARG A 71 -16.39 -1.44 -15.85
CA ARG A 71 -15.76 -2.57 -16.61
C ARG A 71 -15.28 -3.73 -15.75
N PHE A 72 -15.69 -3.74 -14.48
CA PHE A 72 -15.19 -4.75 -13.56
C PHE A 72 -15.48 -6.21 -14.02
N GLU A 73 -16.64 -6.45 -14.62
CA GLU A 73 -16.92 -7.82 -15.10
C GLU A 73 -15.94 -8.26 -16.21
N GLU A 74 -15.60 -7.35 -17.12
CA GLU A 74 -14.61 -7.67 -18.15
C GLU A 74 -13.29 -8.03 -17.47
N ASP A 75 -12.91 -7.23 -16.46
CA ASP A 75 -11.64 -7.39 -15.75
C ASP A 75 -11.60 -8.67 -14.91
N ILE A 76 -12.73 -9.04 -14.32
CA ILE A 76 -12.83 -10.27 -13.52
C ILE A 76 -12.60 -11.50 -14.40
N GLN A 77 -13.14 -11.46 -15.60
CA GLN A 77 -12.89 -12.52 -16.56
C GLN A 77 -11.41 -12.59 -16.93
N LEU A 78 -10.74 -11.46 -16.99
CA LEU A 78 -9.27 -11.45 -17.16
C LEU A 78 -8.52 -12.15 -16.02
N MET A 79 -8.94 -11.92 -14.78
CA MET A 79 -8.35 -12.63 -13.67
C MET A 79 -8.64 -14.12 -13.82
N ALA A 80 -9.89 -14.46 -14.15
CA ALA A 80 -10.28 -15.89 -14.22
C ALA A 80 -9.51 -16.58 -15.36
N ASP A 81 -9.22 -15.83 -16.43
CA ASP A 81 -8.39 -16.31 -17.56
C ASP A 81 -7.01 -16.81 -17.08
N MET A 82 -6.47 -16.16 -16.06
CA MET A 82 -5.18 -16.58 -15.52
C MET A 82 -5.27 -17.68 -14.44
N GLY A 83 -6.46 -17.90 -13.91
CA GLY A 83 -6.65 -18.80 -12.76
C GLY A 83 -6.35 -18.14 -11.39
N MET A 84 -6.51 -16.82 -11.29
CA MET A 84 -6.30 -16.14 -10.00
C MET A 84 -7.26 -16.62 -8.92
N ASP A 85 -6.77 -16.73 -7.69
CA ASP A 85 -7.59 -17.13 -6.55
C ASP A 85 -8.33 -15.95 -5.91
N ALA A 86 -7.77 -14.76 -6.03
CA ALA A 86 -8.25 -13.65 -5.22
C ALA A 86 -7.97 -12.32 -5.95
N TYR A 87 -8.60 -11.27 -5.47
CA TYR A 87 -8.41 -9.92 -5.99
C TYR A 87 -8.43 -8.97 -4.81
N ARG A 88 -7.37 -8.19 -4.71
CA ARG A 88 -7.34 -7.11 -3.75
C ARG A 88 -7.86 -5.85 -4.40
N PHE A 89 -8.87 -5.24 -3.79
CA PHE A 89 -9.39 -3.97 -4.29
C PHE A 89 -9.77 -3.10 -3.10
N SER A 90 -9.89 -1.80 -3.32
CA SER A 90 -10.31 -0.90 -2.23
C SER A 90 -11.72 -0.36 -2.42
N ILE A 91 -12.33 -0.02 -1.31
CA ILE A 91 -13.66 0.61 -1.30
C ILE A 91 -13.34 2.07 -1.12
N ALA A 92 -13.86 2.89 -2.04
CA ALA A 92 -13.77 4.32 -1.95
C ALA A 92 -14.68 4.81 -0.81
N TRP A 93 -14.11 5.25 0.30
CA TRP A 93 -14.88 5.80 1.41
C TRP A 93 -15.98 6.79 0.95
N SER A 94 -15.60 7.67 0.02
CA SER A 94 -16.51 8.74 -0.43
C SER A 94 -17.68 8.24 -1.32
N ARG A 95 -17.62 6.98 -1.76
CA ARG A 95 -18.80 6.36 -2.40
C ARG A 95 -19.80 5.84 -1.36
N ILE A 96 -19.30 5.55 -0.15
CA ILE A 96 -20.16 5.09 0.95
C ILE A 96 -20.67 6.23 1.81
N TYR A 97 -19.76 7.12 2.27
CA TYR A 97 -20.14 8.37 2.92
C TYR A 97 -19.52 9.53 2.17
N PRO A 98 -20.26 10.11 1.21
CA PRO A 98 -19.69 11.18 0.39
C PRO A 98 -19.08 12.34 1.20
N ASN A 99 -19.64 12.62 2.39
CA ASN A 99 -19.11 13.60 3.32
C ASN A 99 -18.34 13.01 4.51
N GLY A 100 -17.91 11.75 4.37
CA GLY A 100 -17.13 11.07 5.41
C GLY A 100 -17.91 10.46 6.56
N VAL A 101 -18.85 11.25 7.10
CA VAL A 101 -19.79 10.84 8.11
C VAL A 101 -21.17 11.27 7.62
N GLY A 102 -22.22 10.82 8.27
CA GLY A 102 -23.55 11.28 7.91
C GLY A 102 -24.36 10.29 7.11
N GLN A 103 -24.99 10.78 6.06
CA GLN A 103 -25.92 9.99 5.26
C GLN A 103 -25.14 8.95 4.46
N VAL A 104 -25.45 7.67 4.65
CA VAL A 104 -24.87 6.63 3.78
C VAL A 104 -25.41 6.79 2.35
N ASN A 105 -24.55 6.52 1.39
CA ASN A 105 -24.92 6.58 0.00
C ASN A 105 -25.23 5.16 -0.43
N GLN A 106 -26.53 4.84 -0.47
CA GLN A 106 -26.97 3.51 -0.89
C GLN A 106 -26.41 3.03 -2.23
N ALA A 107 -26.27 3.90 -3.22
CA ALA A 107 -25.70 3.51 -4.53
C ALA A 107 -24.26 2.98 -4.43
N GLY A 108 -23.49 3.49 -3.46
CA GLY A 108 -22.13 3.01 -3.21
C GLY A 108 -22.15 1.57 -2.68
N ILE A 109 -23.02 1.30 -1.71
CA ILE A 109 -23.20 -0.05 -1.19
C ILE A 109 -23.60 -1.01 -2.33
N ASP A 110 -24.52 -0.57 -3.16
CA ASP A 110 -25.03 -1.42 -4.25
C ASP A 110 -23.94 -1.72 -5.26
N HIS A 111 -23.09 -0.73 -5.53
CA HIS A 111 -21.99 -0.97 -6.48
C HIS A 111 -21.00 -2.04 -5.96
N TYR A 112 -20.55 -1.89 -4.71
CA TYR A 112 -19.56 -2.85 -4.16
C TYR A 112 -20.15 -4.26 -3.97
N ASN A 113 -21.43 -4.35 -3.63
CA ASN A 113 -22.14 -5.65 -3.65
C ASN A 113 -22.09 -6.31 -5.04
N LYS A 114 -22.32 -5.55 -6.11
CA LYS A 114 -22.22 -6.11 -7.46
C LYS A 114 -20.80 -6.60 -7.74
N LEU A 115 -19.81 -5.82 -7.33
CA LEU A 115 -18.40 -6.22 -7.55
C LEU A 115 -18.06 -7.48 -6.75
N ILE A 116 -18.42 -7.49 -5.48
CA ILE A 116 -18.16 -8.65 -4.60
C ILE A 116 -18.86 -9.89 -5.16
N ASP A 117 -20.12 -9.75 -5.52
CA ASP A 117 -20.88 -10.87 -6.10
C ASP A 117 -20.31 -11.38 -7.44
N ALA A 118 -19.84 -10.47 -8.30
CA ALA A 118 -19.25 -10.82 -9.62
C ALA A 118 -17.96 -11.58 -9.44
N LEU A 119 -17.20 -11.20 -8.42
CA LEU A 119 -15.95 -11.89 -8.12
C LEU A 119 -16.20 -13.32 -7.63
N LEU A 120 -17.02 -13.42 -6.60
CA LEU A 120 -17.39 -14.73 -6.04
C LEU A 120 -18.10 -15.65 -7.08
N ALA A 121 -18.81 -15.04 -8.04
CA ALA A 121 -19.49 -15.80 -9.08
C ALA A 121 -18.47 -16.53 -9.91
N LYS A 122 -17.25 -15.98 -9.95
CA LYS A 122 -16.16 -16.52 -10.74
C LYS A 122 -15.17 -17.33 -9.91
N GLY A 123 -15.45 -17.48 -8.63
CA GLY A 123 -14.58 -18.21 -7.71
C GLY A 123 -13.37 -17.43 -7.19
N ILE A 124 -13.42 -16.10 -7.34
CA ILE A 124 -12.31 -15.23 -6.93
C ILE A 124 -12.64 -14.58 -5.58
N GLN A 125 -11.77 -14.74 -4.58
CA GLN A 125 -12.06 -14.20 -3.23
C GLN A 125 -11.73 -12.73 -3.16
N PRO A 126 -12.64 -11.91 -2.59
CA PRO A 126 -12.32 -10.49 -2.39
C PRO A 126 -11.47 -10.21 -1.13
N TYR A 127 -10.35 -9.50 -1.31
CA TYR A 127 -9.52 -9.04 -0.21
C TYR A 127 -9.66 -7.53 -0.29
N VAL A 128 -10.29 -6.95 0.71
CA VAL A 128 -10.76 -5.61 0.58
C VAL A 128 -10.02 -4.65 1.51
N THR A 129 -9.48 -3.60 0.91
CA THR A 129 -8.82 -2.48 1.59
C THR A 129 -9.86 -1.39 1.85
N LEU A 130 -10.02 -1.04 3.13
CA LEU A 130 -10.96 0.01 3.50
C LEU A 130 -10.48 1.40 3.15
N TYR A 131 -9.18 1.62 3.35
CA TYR A 131 -8.56 2.93 3.10
C TYR A 131 -7.29 2.87 2.24
N HIS A 132 -7.45 3.21 0.96
CA HIS A 132 -6.33 3.33 0.02
C HIS A 132 -6.23 4.79 -0.47
N TRP A 133 -6.13 5.70 0.50
CA TRP A 133 -5.64 7.06 0.37
C TRP A 133 -6.65 8.13 -0.01
N ASP A 134 -7.87 7.72 -0.32
CA ASP A 134 -8.88 8.62 -0.85
C ASP A 134 -9.82 9.19 0.23
N LEU A 135 -9.26 9.88 1.21
CA LEU A 135 -10.07 10.54 2.26
C LEU A 135 -11.12 11.49 1.65
N PRO A 136 -12.40 11.40 2.10
CA PRO A 136 -13.35 12.44 1.68
C PRO A 136 -12.86 13.84 1.98
N GLN A 137 -12.89 14.71 0.96
CA GLN A 137 -12.47 16.11 1.13
C GLN A 137 -13.23 16.80 2.27
N ALA A 138 -14.49 16.40 2.50
CA ALA A 138 -15.27 16.96 3.62
C ALA A 138 -14.59 16.81 4.99
N LEU A 139 -13.87 15.71 5.21
CA LEU A 139 -13.13 15.53 6.49
C LEU A 139 -11.85 16.34 6.52
N GLU A 140 -11.19 16.44 5.38
CA GLU A 140 -10.02 17.32 5.27
C GLU A 140 -10.42 18.77 5.53
N ASP A 141 -11.59 19.15 4.99
CA ASP A 141 -12.11 20.50 5.17
C ASP A 141 -12.52 20.76 6.62
N LYS A 142 -13.15 19.77 7.26
CA LYS A 142 -13.71 19.98 8.59
C LYS A 142 -12.61 20.07 9.64
N TYR A 143 -11.62 19.17 9.55
CA TYR A 143 -10.63 19.09 10.64
C TYR A 143 -9.23 18.66 10.18
N LYS A 144 -8.93 18.84 8.91
CA LYS A 144 -7.61 18.45 8.37
C LYS A 144 -7.37 16.95 8.49
N GLY A 145 -8.44 16.18 8.34
CA GLY A 145 -8.36 14.72 8.15
C GLY A 145 -7.52 13.98 9.20
N TRP A 146 -6.50 13.27 8.74
CA TRP A 146 -5.66 12.44 9.62
C TRP A 146 -4.92 13.21 10.70
N LEU A 147 -4.90 14.54 10.62
CA LEU A 147 -4.23 15.38 11.63
C LEU A 147 -5.08 15.54 12.90
N ASP A 148 -6.35 15.15 12.83
CA ASP A 148 -7.24 15.31 13.98
C ASP A 148 -7.65 13.98 14.58
N ARG A 149 -7.75 13.90 15.90
CA ARG A 149 -8.16 12.64 16.52
C ARG A 149 -9.57 12.19 16.08
N GLN A 150 -10.43 13.13 15.64
CA GLN A 150 -11.79 12.77 15.17
C GLN A 150 -11.76 11.70 14.05
N ILE A 151 -10.71 11.70 13.22
CA ILE A 151 -10.56 10.71 12.16
C ILE A 151 -10.67 9.26 12.69
N VAL A 152 -10.25 9.04 13.94
CA VAL A 152 -10.30 7.70 14.57
C VAL A 152 -11.73 7.13 14.62
N ASP A 153 -12.64 7.90 15.24
CA ASP A 153 -14.03 7.52 15.32
C ASP A 153 -14.70 7.50 13.96
N ASP A 154 -14.33 8.45 13.09
CA ASP A 154 -14.99 8.53 11.77
C ASP A 154 -14.60 7.36 10.88
N PHE A 155 -13.32 6.99 10.94
CA PHE A 155 -12.89 5.83 10.20
C PHE A 155 -13.54 4.57 10.76
N ALA A 156 -13.63 4.47 12.08
CA ALA A 156 -14.14 3.25 12.71
C ALA A 156 -15.60 3.07 12.29
N ALA A 157 -16.35 4.16 12.22
CA ALA A 157 -17.79 4.07 11.84
C ALA A 157 -17.95 3.65 10.36
N TYR A 158 -17.08 4.17 9.50
CA TYR A 158 -17.08 3.79 8.09
C TYR A 158 -16.74 2.32 7.95
N ALA A 159 -15.69 1.88 8.65
CA ALA A 159 -15.32 0.48 8.68
C ALA A 159 -16.48 -0.42 9.13
N GLU A 160 -17.17 0.03 10.19
CA GLU A 160 -18.31 -0.75 10.69
C GLU A 160 -19.40 -0.94 9.62
N THR A 161 -19.71 0.12 8.86
CA THR A 161 -20.67 0.02 7.79
C THR A 161 -20.22 -1.03 6.76
N CYS A 162 -18.93 -1.07 6.46
CA CYS A 162 -18.44 -2.05 5.47
C CYS A 162 -18.56 -3.50 6.00
N PHE A 163 -18.18 -3.70 7.26
CA PHE A 163 -18.31 -5.00 7.93
C PHE A 163 -19.76 -5.45 7.87
N ARG A 164 -20.67 -4.55 8.27
CA ARG A 164 -22.13 -4.80 8.29
C ARG A 164 -22.70 -5.11 6.89
N GLU A 165 -22.31 -4.34 5.89
CA GLU A 165 -22.83 -4.55 4.53
C GLU A 165 -22.19 -5.68 3.75
N PHE A 166 -20.89 -5.91 3.93
CA PHE A 166 -20.20 -6.84 3.03
C PHE A 166 -19.60 -8.05 3.70
N GLY A 167 -19.52 -8.03 5.03
CA GLY A 167 -18.69 -9.00 5.75
C GLY A 167 -19.28 -10.40 5.79
N ASP A 168 -20.52 -10.54 5.32
CA ASP A 168 -21.07 -11.87 5.12
C ASP A 168 -20.35 -12.58 3.98
N ARG A 169 -19.75 -11.82 3.06
CA ARG A 169 -19.04 -12.43 1.95
C ARG A 169 -17.55 -12.10 1.96
N VAL A 170 -17.20 -10.91 2.46
CA VAL A 170 -15.80 -10.50 2.55
C VAL A 170 -15.20 -11.01 3.88
N LYS A 171 -14.11 -11.81 3.79
CA LYS A 171 -13.49 -12.47 4.98
C LYS A 171 -12.05 -12.04 5.22
N HIS A 172 -11.53 -11.18 4.35
CA HIS A 172 -10.16 -10.67 4.44
C HIS A 172 -10.19 -9.19 4.22
N TRP A 173 -9.89 -8.43 5.27
CA TRP A 173 -9.94 -6.98 5.26
C TRP A 173 -8.57 -6.45 5.53
N ILE A 174 -8.22 -5.38 4.83
CA ILE A 174 -7.01 -4.64 5.03
C ILE A 174 -7.54 -3.25 5.40
N THR A 175 -7.34 -2.85 6.63
CA THR A 175 -7.91 -1.57 7.04
C THR A 175 -7.23 -0.42 6.32
N LEU A 176 -5.89 -0.38 6.34
CA LEU A 176 -5.14 0.75 5.80
C LEU A 176 -4.08 0.23 4.83
N ASN A 177 -3.91 0.94 3.75
CA ASN A 177 -2.80 0.75 2.83
C ASN A 177 -1.67 1.76 3.07
N GLU A 178 -0.49 1.26 3.40
CA GLU A 178 0.75 2.03 3.52
C GLU A 178 0.67 3.33 4.31
N PRO A 179 0.33 3.24 5.61
CA PRO A 179 0.32 4.44 6.45
C PRO A 179 1.68 5.18 6.50
N HIS A 180 2.77 4.44 6.37
CA HIS A 180 4.08 5.05 6.32
C HIS A 180 4.22 5.94 5.08
N THR A 181 3.81 5.42 3.93
CA THR A 181 3.84 6.23 2.69
C THR A 181 3.03 7.50 2.83
N VAL A 182 1.80 7.37 3.33
CA VAL A 182 0.93 8.54 3.54
C VAL A 182 1.60 9.57 4.48
N ALA A 183 2.08 9.10 5.62
CA ALA A 183 2.69 10.01 6.62
C ALA A 183 3.86 10.77 6.03
N ILE A 184 4.70 10.08 5.25
CA ILE A 184 5.93 10.71 4.78
C ILE A 184 5.62 11.49 3.51
N GLN A 185 4.98 10.83 2.54
CA GLN A 185 4.72 11.50 1.27
C GLN A 185 3.69 12.62 1.37
N GLY A 186 2.70 12.42 2.25
CA GLY A 186 1.63 13.38 2.40
C GLY A 186 1.95 14.55 3.31
N TYR A 187 2.90 14.35 4.27
CA TYR A 187 3.10 15.32 5.36
C TYR A 187 4.57 15.67 5.64
N ASP A 188 5.51 14.94 5.04
CA ASP A 188 6.94 15.35 5.15
C ASP A 188 7.41 15.90 3.81
N ALA A 189 7.31 15.09 2.76
CA ALA A 189 7.71 15.55 1.43
C ALA A 189 6.63 16.41 0.70
N GLY A 190 5.38 16.25 1.08
CA GLY A 190 4.26 16.93 0.42
C GLY A 190 4.08 16.57 -1.04
N LEU A 191 4.47 15.35 -1.41
CA LEU A 191 4.42 14.92 -2.81
C LEU A 191 3.14 14.16 -3.17
N GLN A 192 2.36 13.80 -2.15
CA GLN A 192 1.10 13.09 -2.26
C GLN A 192 0.04 13.81 -1.43
N ALA A 193 -1.24 13.58 -1.71
CA ALA A 193 -2.28 14.31 -1.02
C ALA A 193 -2.21 14.09 0.50
N PRO A 194 -2.49 15.15 1.29
CA PRO A 194 -2.94 16.50 0.91
C PRO A 194 -1.80 17.47 0.55
N GLY A 195 -0.58 16.98 0.47
CA GLY A 195 0.52 17.76 -0.04
C GLY A 195 1.03 18.81 0.95
N ARG A 196 1.17 18.38 2.19
CA ARG A 196 1.64 19.26 3.25
C ARG A 196 3.12 19.01 3.62
N CYS A 197 3.84 20.08 3.96
CA CYS A 197 5.24 19.95 4.42
C CYS A 197 5.73 21.28 5.01
N SER A 198 6.93 21.28 5.60
CA SER A 198 7.62 22.51 5.96
C SER A 198 8.04 23.25 4.69
N VAL A 199 7.43 24.41 4.47
CA VAL A 199 7.74 25.22 3.30
C VAL A 199 9.26 25.59 3.20
N LEU A 200 9.94 25.74 4.35
CA LEU A 200 11.40 25.95 4.38
C LEU A 200 12.14 24.77 3.73
N LEU A 201 11.56 23.57 3.76
CA LEU A 201 12.21 22.43 3.12
C LEU A 201 11.85 22.27 1.67
N HIS A 202 10.57 22.48 1.37
CA HIS A 202 10.07 22.31 0.00
C HIS A 202 9.13 23.49 -0.27
N LEU A 203 9.54 24.37 -1.19
CA LEU A 203 8.81 25.62 -1.47
C LEU A 203 7.42 25.41 -2.09
N TYR A 204 7.22 24.23 -2.67
CA TYR A 204 5.96 23.93 -3.37
C TYR A 204 4.76 23.74 -2.44
N CYS A 205 5.01 23.51 -1.15
CA CYS A 205 3.91 23.29 -0.24
C CYS A 205 3.24 24.59 0.20
N LYS A 206 1.93 24.49 0.49
CA LYS A 206 1.11 25.60 0.95
C LYS A 206 1.14 25.75 2.48
N ALA A 207 1.34 24.63 3.18
CA ALA A 207 1.26 24.59 4.65
C ALA A 207 1.82 23.27 5.15
N GLY A 208 2.13 23.20 6.45
CA GLY A 208 2.56 21.96 7.07
C GLY A 208 3.77 22.07 7.94
N ASN A 209 4.22 20.92 8.44
CA ASN A 209 5.40 20.86 9.31
C ASN A 209 5.93 19.44 9.23
N SER A 210 7.03 19.31 8.50
CA SER A 210 7.64 18.01 8.20
C SER A 210 8.18 17.32 9.46
N GLY A 211 8.36 18.11 10.53
CA GLY A 211 8.97 17.59 11.74
C GLY A 211 7.95 17.02 12.70
N THR A 212 6.69 17.42 12.54
CA THR A 212 5.68 17.08 13.54
C THR A 212 4.50 16.32 12.97
N GLU A 213 4.02 16.76 11.80
CA GLU A 213 2.76 16.19 11.24
C GLU A 213 2.81 14.71 10.89
N PRO A 214 3.95 14.24 10.34
CA PRO A 214 3.99 12.81 10.06
C PRO A 214 3.78 11.93 11.27
N TYR A 215 4.25 12.36 12.45
CA TYR A 215 4.13 11.53 13.64
C TYR A 215 2.70 11.58 14.15
N VAL A 216 2.05 12.72 14.00
CA VAL A 216 0.63 12.83 14.38
C VAL A 216 -0.25 11.95 13.52
N VAL A 217 -0.07 12.07 12.21
CA VAL A 217 -0.80 11.23 11.22
C VAL A 217 -0.61 9.71 11.49
N ALA A 218 0.64 9.28 11.66
CA ALA A 218 0.95 7.89 11.93
C ALA A 218 0.25 7.41 13.22
N HIS A 219 0.26 8.24 14.26
CA HIS A 219 -0.41 7.90 15.50
C HIS A 219 -1.90 7.65 15.26
N HIS A 220 -2.51 8.56 14.53
CA HIS A 220 -3.92 8.44 14.22
C HIS A 220 -4.28 7.24 13.36
N PHE A 221 -3.45 6.93 12.37
CA PHE A 221 -3.60 5.70 11.60
C PHE A 221 -3.64 4.45 12.52
N ILE A 222 -2.67 4.37 13.42
CA ILE A 222 -2.57 3.22 14.34
C ILE A 222 -3.84 3.14 15.22
N LEU A 223 -4.24 4.26 15.83
CA LEU A 223 -5.48 4.32 16.61
C LEU A 223 -6.73 4.01 15.78
N ALA A 224 -6.79 4.48 14.53
CA ALA A 224 -7.90 4.20 13.63
C ALA A 224 -8.02 2.69 13.32
N HIS A 225 -6.92 2.03 12.98
CA HIS A 225 -6.96 0.59 12.82
C HIS A 225 -7.48 -0.11 14.10
N ALA A 226 -6.87 0.19 15.26
CA ALA A 226 -7.27 -0.39 16.55
C ALA A 226 -8.75 -0.22 16.80
N ALA A 227 -9.30 0.95 16.47
CA ALA A 227 -10.74 1.25 16.66
C ALA A 227 -11.64 0.41 15.77
N ALA A 228 -11.31 0.32 14.47
CA ALA A 228 -11.98 -0.59 13.56
C ALA A 228 -11.86 -2.04 14.02
N ALA A 229 -10.66 -2.47 14.42
CA ALA A 229 -10.45 -3.85 14.84
C ALA A 229 -11.28 -4.19 16.10
N SER A 230 -11.40 -3.22 16.99
CA SER A 230 -12.15 -3.43 18.22
C SER A 230 -13.64 -3.69 17.86
N ILE A 231 -14.19 -2.92 16.93
CA ILE A 231 -15.56 -3.08 16.49
C ILE A 231 -15.70 -4.45 15.85
N TYR A 232 -14.79 -4.77 14.94
CA TYR A 232 -14.83 -6.05 14.23
C TYR A 232 -14.85 -7.25 15.20
N ARG A 233 -13.90 -7.29 16.12
CA ARG A 233 -13.81 -8.38 17.08
C ARG A 233 -15.05 -8.52 17.97
N THR A 234 -15.59 -7.40 18.43
CA THR A 234 -16.67 -7.40 19.41
C THR A 234 -18.01 -7.70 18.75
N LYS A 235 -18.21 -7.21 17.53
CA LYS A 235 -19.52 -7.31 16.89
C LYS A 235 -19.67 -8.18 15.66
N TYR A 236 -18.59 -8.45 14.92
CA TYR A 236 -18.70 -9.11 13.59
C TYR A 236 -17.91 -10.39 13.42
N LYS A 237 -16.78 -10.50 14.13
CA LYS A 237 -15.83 -11.55 13.81
C LYS A 237 -16.36 -12.95 14.17
N ALA A 238 -17.01 -13.08 15.32
CA ALA A 238 -17.57 -14.37 15.72
C ALA A 238 -18.51 -14.91 14.63
N THR A 239 -19.41 -14.07 14.12
CA THR A 239 -20.38 -14.60 13.16
C THR A 239 -19.84 -14.65 11.76
N GLN A 240 -19.06 -13.64 11.37
CA GLN A 240 -18.53 -13.61 9.99
C GLN A 240 -17.32 -14.48 9.76
N ASN A 241 -16.52 -14.72 10.80
CA ASN A 241 -15.35 -15.61 10.69
C ASN A 241 -14.26 -15.12 9.70
N GLY A 242 -14.03 -13.81 9.66
CA GLY A 242 -13.02 -13.23 8.76
C GLY A 242 -11.81 -12.78 9.56
N GLN A 243 -10.90 -12.08 8.87
CA GLN A 243 -9.67 -11.57 9.52
C GLN A 243 -9.35 -10.14 9.05
N LEU A 244 -8.62 -9.40 9.91
CA LEU A 244 -8.24 -8.01 9.67
C LEU A 244 -6.76 -7.83 9.68
N GLY A 245 -6.22 -7.05 8.74
CA GLY A 245 -4.79 -6.78 8.72
C GLY A 245 -4.55 -5.37 8.20
N ILE A 246 -3.31 -5.06 7.84
CA ILE A 246 -2.91 -3.76 7.29
C ILE A 246 -1.88 -4.07 6.23
N ALA A 247 -1.74 -3.23 5.20
CA ALA A 247 -0.65 -3.42 4.22
C ALA A 247 0.44 -2.37 4.47
N PHE A 248 1.60 -2.83 4.88
CA PHE A 248 2.74 -1.93 5.11
C PHE A 248 3.67 -1.87 3.92
N ASP A 249 4.07 -0.66 3.52
CA ASP A 249 5.14 -0.50 2.54
C ASP A 249 6.49 -0.76 3.24
N VAL A 250 7.29 -1.67 2.68
CA VAL A 250 8.52 -2.06 3.34
C VAL A 250 9.61 -2.30 2.31
N MET A 251 10.57 -1.40 2.27
CA MET A 251 11.81 -1.65 1.52
C MET A 251 12.68 -2.49 2.44
N TRP A 252 13.45 -3.41 1.88
CA TRP A 252 14.45 -4.05 2.70
C TRP A 252 15.66 -3.10 2.74
N PHE A 253 16.35 -3.08 3.87
CA PHE A 253 17.57 -2.26 4.03
C PHE A 253 18.77 -3.16 4.35
N GLU A 254 19.78 -3.06 3.50
CA GLU A 254 21.02 -3.75 3.75
C GLU A 254 22.04 -2.71 4.22
N PRO A 255 22.96 -3.11 5.11
CA PRO A 255 23.95 -2.14 5.54
C PRO A 255 24.87 -1.76 4.39
N MET A 256 25.24 -0.48 4.26
CA MET A 256 26.09 -0.06 3.12
C MET A 256 27.49 -0.64 3.22
N SER A 257 27.91 -0.89 4.46
CA SER A 257 29.13 -1.63 4.74
C SER A 257 28.86 -2.67 5.81
N ASN A 258 29.60 -3.78 5.77
CA ASN A 258 29.50 -4.83 6.78
C ASN A 258 30.30 -4.44 8.04
N THR A 259 29.85 -3.38 8.72
CA THR A 259 30.53 -2.80 9.90
C THR A 259 29.44 -2.56 10.90
N THR A 260 29.75 -2.63 12.19
CA THR A 260 28.65 -2.61 13.16
C THR A 260 27.83 -1.34 13.06
N ILE A 261 28.47 -0.19 12.80
CA ILE A 261 27.76 1.11 12.69
C ILE A 261 26.68 1.11 11.59
N ASP A 262 27.03 0.64 10.38
CA ASP A 262 26.06 0.54 9.28
C ASP A 262 25.03 -0.61 9.42
N ILE A 263 25.44 -1.68 10.08
CA ILE A 263 24.51 -2.77 10.42
C ILE A 263 23.45 -2.24 11.37
N GLU A 264 23.87 -1.46 12.38
CA GLU A 264 22.88 -0.82 13.27
C GLU A 264 22.05 0.21 12.52
N ALA A 265 22.67 0.93 11.60
CA ALA A 265 21.92 1.91 10.80
C ALA A 265 20.78 1.25 9.99
N ALA A 266 21.06 0.13 9.31
CA ALA A 266 20.04 -0.55 8.51
C ALA A 266 18.88 -1.07 9.37
N LYS A 267 19.21 -1.64 10.53
CA LYS A 267 18.21 -2.07 11.52
C LYS A 267 17.35 -0.87 11.98
N ARG A 268 18.01 0.27 12.20
CA ARG A 268 17.33 1.53 12.65
C ARG A 268 16.36 2.08 11.57
N ALA A 269 16.84 2.10 10.32
CA ALA A 269 16.02 2.53 9.20
C ALA A 269 14.83 1.59 9.09
N GLN A 270 15.04 0.30 9.34
CA GLN A 270 13.89 -0.65 9.34
C GLN A 270 12.88 -0.36 10.45
N GLU A 271 13.37 -0.09 11.67
CA GLU A 271 12.52 0.30 12.80
C GLU A 271 11.71 1.56 12.54
N PHE A 272 12.30 2.53 11.82
CA PHE A 272 11.63 3.78 11.50
C PHE A 272 10.63 3.62 10.35
N GLN A 273 10.74 2.52 9.60
CA GLN A 273 9.85 2.30 8.44
C GLN A 273 8.74 1.33 8.79
N LEU A 274 9.08 0.10 9.13
CA LEU A 274 8.07 -0.89 9.48
C LEU A 274 7.72 -0.81 10.99
N GLY A 275 8.76 -0.74 11.82
CA GLY A 275 8.61 -0.74 13.27
C GLY A 275 7.74 0.37 13.83
N TRP A 276 7.76 1.53 13.17
CA TRP A 276 6.98 2.66 13.55
C TRP A 276 5.53 2.24 13.75
N PHE A 277 5.05 1.38 12.85
CA PHE A 277 3.68 0.88 12.92
C PHE A 277 3.58 -0.48 13.59
N ALA A 278 4.50 -1.39 13.26
CA ALA A 278 4.39 -2.78 13.69
C ALA A 278 4.78 -2.98 15.15
N ASP A 279 5.72 -2.19 15.67
CA ASP A 279 6.03 -2.34 17.08
C ASP A 279 4.79 -2.07 17.98
N PRO A 280 4.08 -0.94 17.81
CA PRO A 280 2.80 -0.77 18.52
C PRO A 280 1.83 -1.96 18.43
N PHE A 281 1.66 -2.51 17.21
CA PHE A 281 0.69 -3.61 17.01
C PHE A 281 1.13 -4.91 17.65
N PHE A 282 2.43 -5.10 17.85
CA PHE A 282 2.89 -6.35 18.48
C PHE A 282 3.33 -6.19 19.92
N PHE A 283 3.83 -5.01 20.25
CA PHE A 283 4.48 -4.81 21.56
C PHE A 283 3.80 -3.74 22.37
N GLY A 284 2.91 -2.95 21.76
CA GLY A 284 2.20 -1.91 22.52
C GLY A 284 2.89 -0.56 22.66
N ASP A 285 4.02 -0.36 21.97
CA ASP A 285 4.68 0.97 21.94
C ASP A 285 5.56 1.12 20.72
N TYR A 286 5.99 2.35 20.44
CA TYR A 286 6.92 2.63 19.33
C TYR A 286 8.30 2.03 19.62
N PRO A 287 9.11 1.81 18.57
CA PRO A 287 10.51 1.38 18.73
C PRO A 287 11.25 2.31 19.66
N ALA A 288 12.05 1.75 20.56
CA ALA A 288 12.87 2.57 21.47
C ALA A 288 13.72 3.61 20.73
N THR A 289 14.19 3.27 19.54
CA THR A 289 15.02 4.18 18.78
C THR A 289 14.24 5.42 18.31
N MET A 290 12.97 5.24 17.98
CA MET A 290 12.11 6.37 17.66
C MET A 290 11.87 7.24 18.89
N ARG A 291 11.49 6.62 20.01
CA ARG A 291 11.37 7.39 21.27
C ARG A 291 12.64 8.22 21.56
N ALA A 292 13.81 7.60 21.44
CA ALA A 292 15.09 8.27 21.72
C ALA A 292 15.32 9.49 20.80
N ARG A 293 15.09 9.31 19.49
CA ARG A 293 15.54 10.27 18.51
C ARG A 293 14.47 11.30 18.12
N VAL A 294 13.20 10.92 18.20
CA VAL A 294 12.08 11.82 17.87
C VAL A 294 11.56 12.55 19.11
N GLY A 295 11.77 11.96 20.28
CA GLY A 295 11.50 12.67 21.54
C GLY A 295 10.04 13.09 21.68
N GLU A 296 9.82 14.35 22.07
CA GLU A 296 8.45 14.83 22.38
C GLU A 296 7.59 14.97 21.13
N ARG A 297 8.23 14.94 19.95
CA ARG A 297 7.48 14.99 18.71
C ARG A 297 6.74 13.66 18.42
N LEU A 298 7.08 12.60 19.15
CA LEU A 298 6.45 11.31 18.96
C LEU A 298 5.39 11.15 20.04
N PRO A 299 4.12 11.01 19.65
CA PRO A 299 3.03 10.85 20.61
C PRO A 299 3.18 9.63 21.53
N ARG A 300 2.57 9.70 22.70
CA ARG A 300 2.54 8.56 23.62
C ARG A 300 1.19 7.90 23.64
N PHE A 301 1.16 6.57 23.58
CA PHE A 301 -0.08 5.85 23.83
C PHE A 301 -0.42 5.88 25.30
N THR A 302 -1.70 6.03 25.63
CA THR A 302 -2.12 5.75 27.01
C THR A 302 -2.13 4.24 27.23
N ALA A 303 -2.16 3.83 28.50
CA ALA A 303 -2.28 2.41 28.84
C ALA A 303 -3.50 1.74 28.15
N ASP A 304 -4.66 2.40 28.17
CA ASP A 304 -5.87 1.85 27.53
C ASP A 304 -5.77 1.75 26.01
N GLU A 305 -5.06 2.71 25.42
CA GLU A 305 -4.85 2.74 23.97
C GLU A 305 -3.95 1.58 23.55
N ALA A 306 -2.83 1.44 24.29
CA ALA A 306 -1.87 0.34 24.12
C ALA A 306 -2.50 -1.04 24.16
N ALA A 307 -3.47 -1.18 25.07
CA ALA A 307 -4.19 -2.44 25.25
C ALA A 307 -5.13 -2.78 24.08
N VAL A 308 -5.66 -1.76 23.40
CA VAL A 308 -6.49 -1.96 22.20
C VAL A 308 -5.63 -2.09 20.92
N VAL A 309 -4.50 -1.40 20.90
CA VAL A 309 -3.52 -1.46 19.79
C VAL A 309 -2.72 -2.78 19.80
N LYS A 310 -2.14 -3.14 20.95
CA LYS A 310 -1.37 -4.39 20.98
C LYS A 310 -2.23 -5.58 20.63
N GLY A 311 -1.80 -6.31 19.60
CA GLY A 311 -2.58 -7.48 19.14
C GLY A 311 -3.68 -7.24 18.12
N ALA A 312 -3.80 -6.02 17.56
CA ALA A 312 -4.99 -5.70 16.76
C ALA A 312 -4.91 -6.21 15.31
N LEU A 313 -3.78 -6.81 14.94
CA LEU A 313 -3.63 -7.42 13.60
C LEU A 313 -3.87 -8.91 13.63
N ASP A 314 -4.61 -9.42 12.63
CA ASP A 314 -4.73 -10.86 12.44
C ASP A 314 -3.66 -11.35 11.49
N PHE A 315 -3.25 -10.47 10.57
CA PHE A 315 -2.15 -10.78 9.66
C PHE A 315 -1.43 -9.50 9.33
N VAL A 316 -0.22 -9.64 8.78
CA VAL A 316 0.59 -8.53 8.34
C VAL A 316 0.61 -8.59 6.82
N GLY A 317 0.11 -7.54 6.17
CA GLY A 317 0.29 -7.39 4.73
C GLY A 317 1.60 -6.65 4.46
N ILE A 318 2.38 -7.17 3.54
CA ILE A 318 3.60 -6.54 3.16
C ILE A 318 3.53 -6.12 1.69
N ASN A 319 3.73 -4.84 1.44
CA ASN A 319 3.90 -4.38 0.09
C ASN A 319 5.39 -4.22 -0.08
N HIS A 320 6.01 -5.06 -0.90
CA HIS A 320 7.48 -5.03 -0.99
C HIS A 320 7.86 -5.00 -2.46
N TYR A 321 8.78 -4.10 -2.82
CA TYR A 321 9.25 -3.95 -4.19
C TYR A 321 10.79 -4.02 -4.30
N THR A 322 11.46 -3.47 -3.30
CA THR A 322 12.85 -3.12 -3.51
C THR A 322 13.69 -3.13 -2.21
N THR A 323 14.99 -3.04 -2.41
CA THR A 323 15.95 -3.04 -1.34
C THR A 323 16.96 -1.89 -1.57
N TYR A 324 17.30 -1.12 -0.53
CA TYR A 324 18.35 -0.08 -0.63
C TYR A 324 19.48 -0.40 0.34
N TYR A 325 20.63 0.22 0.13
CA TYR A 325 21.70 0.26 1.11
C TYR A 325 21.45 1.36 2.11
N THR A 326 21.87 1.16 3.36
CA THR A 326 21.66 2.17 4.41
C THR A 326 22.98 2.43 5.14
N ARG A 327 23.36 3.72 5.23
CA ARG A 327 24.52 4.11 6.05
C ARG A 327 24.09 4.91 7.29
N HIS A 328 24.92 4.91 8.31
CA HIS A 328 24.75 5.78 9.47
C HIS A 328 24.89 7.20 8.98
N ASN A 329 24.13 8.11 9.57
CA ASN A 329 24.29 9.51 9.25
C ASN A 329 24.39 10.38 10.50
N ASN A 330 25.49 11.12 10.57
CA ASN A 330 25.69 12.17 11.58
C ASN A 330 25.36 13.56 11.03
N THR A 331 24.52 14.28 11.76
CA THR A 331 24.25 15.69 11.43
C THR A 331 24.17 16.54 12.70
N ASN A 332 23.83 17.82 12.51
CA ASN A 332 23.88 18.82 13.57
C ASN A 332 22.78 19.87 13.34
N ILE A 333 21.55 19.37 13.17
CA ILE A 333 20.49 20.14 12.49
C ILE A 333 20.50 21.60 12.88
N ILE A 334 20.19 22.46 11.90
CA ILE A 334 19.96 23.88 12.18
C ILE A 334 18.53 24.09 12.73
N GLY A 335 18.36 23.74 14.00
CA GLY A 335 17.13 23.99 14.75
C GLY A 335 15.93 23.16 14.34
N THR A 336 14.82 23.40 15.06
CA THR A 336 13.51 22.80 14.82
C THR A 336 13.01 23.03 13.40
N LEU A 337 13.31 24.21 12.85
CA LEU A 337 12.71 24.64 11.59
C LEU A 337 12.89 23.60 10.50
N LEU A 338 14.04 22.92 10.49
CA LEU A 338 14.36 22.00 9.40
C LEU A 338 14.17 20.51 9.72
N ASN A 339 13.56 20.21 10.88
CA ASN A 339 13.26 18.84 11.30
C ASN A 339 12.47 18.10 10.23
N ASN A 340 12.81 16.83 10.03
CA ASN A 340 12.15 16.02 9.03
C ASN A 340 12.34 14.56 9.38
N THR A 341 11.55 13.66 8.79
CA THR A 341 11.59 12.27 9.24
C THR A 341 12.93 11.60 8.90
N LEU A 342 13.50 11.92 7.74
CA LEU A 342 14.74 11.23 7.35
C LEU A 342 15.88 11.58 8.29
N ALA A 343 16.04 12.87 8.56
CA ALA A 343 17.03 13.31 9.54
C ALA A 343 16.82 12.63 10.91
N ASP A 344 15.57 12.46 11.32
CA ASP A 344 15.26 11.80 12.61
C ASP A 344 15.81 10.34 12.70
N THR A 345 15.83 9.63 11.57
CA THR A 345 16.28 8.24 11.52
C THR A 345 17.78 8.15 11.81
N GLY A 346 18.53 9.22 11.55
CA GLY A 346 19.99 9.16 11.72
C GLY A 346 20.60 8.23 10.68
N THR A 347 19.94 8.10 9.53
CA THR A 347 20.44 7.24 8.44
C THR A 347 20.20 7.89 7.13
N VAL A 348 20.92 7.39 6.14
CA VAL A 348 20.61 7.70 4.75
C VAL A 348 20.55 6.38 3.99
N SER A 349 19.52 6.21 3.15
CA SER A 349 19.38 4.98 2.36
C SER A 349 19.29 5.31 0.90
N LEU A 350 20.02 4.53 0.09
CA LEU A 350 20.16 4.75 -1.35
C LEU A 350 20.39 3.42 -2.02
N PRO A 351 19.96 3.30 -3.28
CA PRO A 351 20.24 2.07 -4.02
C PRO A 351 21.64 2.03 -4.64
N PHE A 352 22.58 2.82 -4.12
CA PHE A 352 23.93 2.90 -4.67
C PHE A 352 24.95 2.65 -3.57
N LYS A 353 25.95 1.83 -3.89
CA LYS A 353 27.08 1.59 -3.02
C LYS A 353 28.31 1.83 -3.87
N ASN A 354 29.21 2.65 -3.34
CA ASN A 354 30.46 2.96 -4.04
C ASN A 354 30.17 3.22 -5.52
N GLY A 355 29.18 4.10 -5.76
CA GLY A 355 28.68 4.45 -7.10
C GLY A 355 27.93 3.38 -7.93
N LYS A 356 27.89 2.15 -7.43
CA LYS A 356 27.33 1.03 -8.18
C LYS A 356 25.88 0.79 -7.76
N PRO A 357 24.93 0.76 -8.73
CA PRO A 357 23.55 0.47 -8.28
C PRO A 357 23.36 -0.93 -7.69
N ILE A 358 22.42 -1.07 -6.76
CA ILE A 358 22.15 -2.37 -6.13
C ILE A 358 21.58 -3.42 -7.08
N GLY A 359 20.94 -2.98 -8.15
CA GLY A 359 20.31 -3.86 -9.11
C GLY A 359 19.93 -3.11 -10.38
N ASP A 360 19.46 -3.86 -11.38
CA ASP A 360 18.70 -3.30 -12.49
C ASP A 360 17.56 -2.46 -11.91
N ARG A 361 17.09 -1.47 -12.64
CA ARG A 361 15.96 -0.66 -12.21
C ARG A 361 14.72 -0.86 -13.13
N ALA A 362 13.53 -0.87 -12.56
CA ALA A 362 12.31 -0.79 -13.37
C ALA A 362 12.14 0.67 -13.86
N ASN A 363 10.99 0.98 -14.44
CA ASN A 363 10.69 2.36 -14.85
C ASN A 363 10.74 3.39 -13.70
N SER A 364 10.10 3.08 -12.59
CA SER A 364 10.08 3.99 -11.45
C SER A 364 11.50 4.23 -10.96
N ILE A 365 11.85 5.51 -10.77
CA ILE A 365 13.20 5.93 -10.41
C ILE A 365 13.63 5.31 -9.06
N TRP A 366 12.64 4.95 -8.24
CA TRP A 366 12.90 4.41 -6.90
C TRP A 366 12.97 2.89 -6.84
N LEU A 367 12.62 2.22 -7.95
CA LEU A 367 12.33 0.76 -7.91
C LEU A 367 13.48 -0.08 -8.44
N TYR A 368 14.32 -0.56 -7.52
CA TYR A 368 15.47 -1.38 -7.89
C TYR A 368 15.16 -2.86 -7.73
N ILE A 369 15.64 -3.66 -8.67
CA ILE A 369 15.26 -5.06 -8.72
C ILE A 369 16.21 -5.89 -7.89
N VAL A 370 15.75 -6.29 -6.70
CA VAL A 370 16.64 -6.98 -5.72
C VAL A 370 15.88 -8.17 -5.10
N PRO A 371 15.76 -9.29 -5.85
CA PRO A 371 14.90 -10.41 -5.39
C PRO A 371 15.27 -10.96 -4.01
N ARG A 372 16.56 -10.93 -3.62
CA ARG A 372 16.96 -11.48 -2.32
C ARG A 372 16.31 -10.73 -1.16
N GLY A 373 15.99 -9.47 -1.35
CA GLY A 373 15.42 -8.71 -0.24
C GLY A 373 14.05 -9.23 0.17
N MET A 374 13.32 -9.88 -0.72
CA MET A 374 12.06 -10.53 -0.35
C MET A 374 12.26 -11.60 0.73
N ARG A 375 13.30 -12.42 0.56
CA ARG A 375 13.60 -13.48 1.52
C ARG A 375 14.13 -12.91 2.84
N SER A 376 14.99 -11.90 2.75
CA SER A 376 15.57 -11.30 3.92
C SER A 376 14.50 -10.63 4.77
N LEU A 377 13.54 -9.96 4.10
CA LEU A 377 12.43 -9.30 4.81
C LEU A 377 11.51 -10.32 5.48
N MET A 378 11.19 -11.40 4.78
CA MET A 378 10.28 -12.40 5.36
C MET A 378 10.88 -12.96 6.67
N ASN A 379 12.20 -13.16 6.68
CA ASN A 379 12.89 -13.62 7.90
C ASN A 379 12.97 -12.58 8.99
N TYR A 380 13.09 -11.31 8.63
CA TYR A 380 13.10 -10.22 9.61
C TYR A 380 11.75 -10.15 10.32
N VAL A 381 10.66 -10.26 9.56
CA VAL A 381 9.31 -10.20 10.13
C VAL A 381 9.04 -11.38 11.03
N LYS A 382 9.43 -12.56 10.55
CA LYS A 382 9.34 -13.78 11.35
C LYS A 382 10.03 -13.60 12.71
N GLU A 383 11.28 -13.15 12.69
CA GLU A 383 12.07 -13.13 13.91
C GLU A 383 11.62 -12.01 14.82
N ARG A 384 11.36 -10.82 14.26
CA ARG A 384 11.02 -9.69 15.14
C ARG A 384 9.63 -9.81 15.77
N TYR A 385 8.67 -10.33 14.99
CA TYR A 385 7.28 -10.30 15.42
C TYR A 385 6.66 -11.66 15.79
N ASN A 386 7.53 -12.65 15.96
CA ASN A 386 7.11 -13.98 16.44
C ASN A 386 6.22 -14.68 15.43
N SER A 387 6.69 -14.69 14.19
CA SER A 387 6.10 -15.50 13.15
C SER A 387 4.58 -15.24 12.97
N PRO A 388 4.19 -13.97 12.72
CA PRO A 388 2.78 -13.72 12.40
C PRO A 388 2.50 -14.16 10.99
N PRO A 389 1.22 -14.42 10.67
CA PRO A 389 0.80 -14.68 9.31
C PRO A 389 1.09 -13.44 8.45
N VAL A 390 1.70 -13.66 7.29
CA VAL A 390 2.00 -12.58 6.32
C VAL A 390 1.36 -12.89 4.96
N TYR A 391 0.85 -11.85 4.31
CA TYR A 391 0.46 -11.90 2.93
C TYR A 391 1.32 -10.87 2.26
N ILE A 392 1.87 -11.20 1.10
CA ILE A 392 2.49 -10.20 0.23
C ILE A 392 1.33 -9.51 -0.48
N THR A 393 0.93 -8.36 0.05
CA THR A 393 -0.24 -7.65 -0.45
C THR A 393 0.04 -6.83 -1.71
N GLU A 394 1.33 -6.55 -2.02
CA GLU A 394 1.77 -5.96 -3.30
C GLU A 394 3.19 -6.35 -3.60
N ASN A 395 3.45 -6.74 -4.85
CA ASN A 395 4.82 -6.90 -5.38
C ASN A 395 4.69 -6.82 -6.91
N GLY A 396 5.58 -6.09 -7.57
CA GLY A 396 5.55 -6.02 -9.05
C GLY A 396 6.51 -4.96 -9.54
N MET A 397 6.42 -4.60 -10.82
CA MET A 397 7.34 -3.59 -11.37
C MET A 397 6.67 -2.94 -12.57
N ASP A 398 7.23 -1.82 -13.00
CA ASP A 398 6.61 -1.05 -14.05
C ASP A 398 7.46 -0.90 -15.32
N ASP A 399 6.77 -0.82 -16.45
CA ASP A 399 7.35 -0.43 -17.72
C ASP A 399 7.11 1.08 -17.90
N SER A 400 7.84 1.72 -18.82
CA SER A 400 7.52 3.10 -19.18
C SER A 400 6.25 3.14 -20.01
N ASN A 401 5.67 4.32 -20.19
CA ASN A 401 4.61 4.48 -21.14
C ASN A 401 5.25 5.11 -22.39
N ASN A 402 5.54 4.27 -23.38
CA ASN A 402 6.41 4.66 -24.49
C ASN A 402 5.69 4.80 -25.82
N PRO A 403 5.44 6.06 -26.24
CA PRO A 403 4.63 6.29 -27.43
C PRO A 403 5.37 5.99 -28.74
N PHE A 404 6.67 5.70 -28.62
CA PHE A 404 7.56 5.44 -29.77
C PHE A 404 7.71 3.96 -30.11
N ILE A 405 6.93 3.11 -29.45
CA ILE A 405 6.94 1.70 -29.77
C ILE A 405 5.52 1.21 -30.03
N SER A 406 5.41 0.11 -30.77
CA SER A 406 4.09 -0.46 -31.06
C SER A 406 3.51 -1.09 -29.78
N ILE A 407 2.18 -1.27 -29.75
CA ILE A 407 1.52 -1.97 -28.65
C ILE A 407 2.09 -3.38 -28.56
N LYS A 408 2.23 -4.03 -29.72
CA LYS A 408 2.82 -5.36 -29.75
C LYS A 408 4.15 -5.43 -29.00
N ASP A 409 5.00 -4.43 -29.19
CA ASP A 409 6.27 -4.44 -28.49
C ASP A 409 6.13 -4.09 -27.01
N ALA A 410 5.13 -3.27 -26.71
CA ALA A 410 4.81 -2.90 -25.32
C ALA A 410 4.40 -4.13 -24.49
N LEU A 411 3.87 -5.15 -25.17
CA LEU A 411 3.44 -6.37 -24.52
C LEU A 411 4.58 -7.31 -24.15
N LYS A 412 5.77 -7.10 -24.67
CA LYS A 412 6.86 -8.06 -24.41
C LYS A 412 7.57 -7.77 -23.11
N ASP A 413 6.87 -7.99 -22.00
CA ASP A 413 7.40 -7.64 -20.68
C ASP A 413 8.24 -8.76 -20.07
N SER A 414 9.31 -9.15 -20.78
CA SER A 414 10.23 -10.15 -20.24
C SER A 414 10.89 -9.75 -18.91
N LYS A 415 11.17 -8.47 -18.72
CA LYS A 415 11.73 -8.01 -17.44
C LYS A 415 10.74 -8.27 -16.28
N ARG A 416 9.45 -7.93 -16.49
CA ARG A 416 8.43 -8.19 -15.48
C ARG A 416 8.39 -9.68 -15.17
N ILE A 417 8.44 -10.51 -16.22
CA ILE A 417 8.41 -11.95 -15.97
C ILE A 417 9.55 -12.39 -15.05
N LYS A 418 10.78 -11.92 -15.32
CA LYS A 418 11.94 -12.27 -14.51
C LYS A 418 11.81 -11.72 -13.07
N TYR A 419 11.30 -10.52 -12.96
CA TYR A 419 11.01 -9.91 -11.64
C TYR A 419 10.13 -10.86 -10.80
N HIS A 420 8.94 -11.17 -11.29
CA HIS A 420 8.03 -12.07 -10.57
C HIS A 420 8.64 -13.44 -10.33
N ASN A 421 9.32 -13.98 -11.35
CA ASN A 421 9.94 -15.26 -11.18
C ASN A 421 10.92 -15.25 -10.03
N ASP A 422 11.78 -14.22 -9.99
CA ASP A 422 12.86 -14.18 -9.02
C ASP A 422 12.35 -13.85 -7.61
N TYR A 423 11.42 -12.90 -7.51
CA TYR A 423 10.88 -12.57 -6.19
C TYR A 423 10.08 -13.75 -5.62
N LEU A 424 9.27 -14.40 -6.47
CA LEU A 424 8.50 -15.55 -6.02
C LEU A 424 9.39 -16.75 -5.67
N THR A 425 10.52 -16.90 -6.37
CA THR A 425 11.45 -17.96 -6.00
C THR A 425 12.00 -17.72 -4.61
N ASN A 426 12.30 -16.47 -4.30
CA ASN A 426 12.79 -16.11 -2.97
C ASN A 426 11.72 -16.25 -1.91
N LEU A 427 10.48 -15.88 -2.28
CA LEU A 427 9.31 -16.07 -1.41
C LEU A 427 9.13 -17.54 -1.05
N ALA A 428 9.16 -18.41 -2.07
CA ALA A 428 8.98 -19.85 -1.89
C ALA A 428 10.06 -20.40 -0.95
N ALA A 429 11.30 -19.98 -1.14
CA ALA A 429 12.41 -20.36 -0.25
C ALA A 429 12.24 -19.89 1.20
N SER A 430 11.74 -18.68 1.39
CA SER A 430 11.53 -18.19 2.76
C SER A 430 10.51 -19.07 3.51
N ILE A 431 9.49 -19.54 2.78
CA ILE A 431 8.45 -20.43 3.34
C ILE A 431 8.99 -21.85 3.62
N LYS A 432 9.55 -22.48 2.58
CA LYS A 432 9.95 -23.89 2.65
C LYS A 432 11.23 -24.14 3.42
N GLU A 433 12.24 -23.30 3.23
CA GLU A 433 13.53 -23.47 3.89
C GLU A 433 13.59 -22.73 5.19
N ASP A 434 12.98 -21.54 5.26
CA ASP A 434 13.18 -20.66 6.42
C ASP A 434 12.05 -20.73 7.47
N GLY A 435 10.93 -21.36 7.12
CA GLY A 435 9.79 -21.48 8.04
C GLY A 435 8.89 -20.24 8.16
N CYS A 436 8.93 -19.34 7.19
CA CYS A 436 8.08 -18.15 7.27
C CYS A 436 6.64 -18.48 6.91
N ASP A 437 5.72 -17.94 7.68
CA ASP A 437 4.29 -18.18 7.51
C ASP A 437 3.74 -17.14 6.54
N VAL A 438 3.93 -17.38 5.25
CA VAL A 438 3.40 -16.51 4.22
C VAL A 438 2.20 -17.26 3.65
N ARG A 439 1.09 -16.57 3.51
CA ARG A 439 -0.19 -17.20 3.19
C ARG A 439 -0.67 -16.87 1.80
N GLY A 440 -0.14 -15.79 1.23
CA GLY A 440 -0.61 -15.39 -0.09
C GLY A 440 0.25 -14.34 -0.72
N TYR A 441 -0.01 -14.07 -2.00
CA TYR A 441 0.81 -13.15 -2.85
C TYR A 441 -0.08 -12.45 -3.87
N PHE A 442 0.05 -11.12 -3.96
CA PHE A 442 -0.77 -10.29 -4.84
C PHE A 442 0.15 -9.43 -5.73
N ALA A 443 0.03 -9.60 -7.04
CA ALA A 443 0.79 -8.82 -7.97
C ALA A 443 0.22 -7.43 -8.09
N TRP A 444 1.08 -6.44 -7.99
CA TRP A 444 0.74 -5.10 -8.45
C TRP A 444 1.23 -4.99 -9.91
N SER A 445 0.32 -4.85 -10.88
CA SER A 445 -1.12 -4.72 -10.71
C SER A 445 -1.83 -5.48 -11.83
N LEU A 446 -3.15 -5.62 -11.76
CA LEU A 446 -3.88 -6.35 -12.82
C LEU A 446 -3.76 -5.61 -14.17
N LEU A 447 -4.02 -4.30 -14.13
CA LEU A 447 -4.00 -3.47 -15.31
C LEU A 447 -3.06 -2.33 -15.12
N ASP A 448 -2.55 -1.79 -16.23
CA ASP A 448 -1.91 -0.47 -16.15
C ASP A 448 -2.92 0.52 -15.57
N ASN A 449 -2.45 1.49 -14.79
CA ASN A 449 -3.40 2.35 -14.09
C ASN A 449 -2.77 3.70 -13.74
N TRP A 450 -3.52 4.54 -13.02
CA TRP A 450 -3.04 5.90 -12.74
C TRP A 450 -2.17 5.84 -11.53
N GLU A 451 -0.88 5.96 -11.77
CA GLU A 451 0.16 5.83 -10.74
CA GLU A 451 0.11 5.82 -10.71
C GLU A 451 0.37 7.11 -9.91
N TRP A 452 -0.70 7.61 -9.31
CA TRP A 452 -0.65 8.77 -8.43
C TRP A 452 0.05 9.98 -9.11
N ALA A 453 1.10 10.55 -8.48
CA ALA A 453 1.76 11.76 -9.00
C ALA A 453 2.55 11.44 -10.27
N ALA A 454 2.78 10.16 -10.54
CA ALA A 454 3.40 9.74 -11.80
C ALA A 454 2.38 9.59 -12.94
N GLY A 455 1.11 9.69 -12.62
CA GLY A 455 0.04 9.63 -13.63
C GLY A 455 0.12 8.40 -14.51
N TYR A 456 -0.07 8.58 -15.82
CA TYR A 456 -0.07 7.44 -16.74
C TYR A 456 1.33 7.13 -17.31
N SER A 457 2.35 7.71 -16.66
CA SER A 457 3.73 7.55 -17.16
C SER A 457 4.31 6.19 -16.74
N SER A 458 3.60 5.50 -15.86
CA SER A 458 4.08 4.25 -15.32
C SER A 458 3.07 3.12 -15.58
N ARG A 459 3.55 2.03 -16.20
CA ARG A 459 2.75 0.86 -16.56
C ARG A 459 3.09 -0.38 -15.68
N PHE A 460 2.33 -0.61 -14.61
CA PHE A 460 2.54 -1.72 -13.69
C PHE A 460 1.73 -3.00 -14.00
N GLY A 461 0.87 -2.94 -15.02
CA GLY A 461 -0.13 -3.97 -15.27
C GLY A 461 0.38 -5.26 -15.88
N LEU A 462 -0.25 -6.37 -15.50
CA LEU A 462 -0.12 -7.60 -16.29
C LEU A 462 -0.78 -7.38 -17.65
N TYR A 463 -1.89 -6.63 -17.65
CA TYR A 463 -2.56 -6.17 -18.86
C TYR A 463 -2.18 -4.74 -19.23
N PHE A 464 -1.83 -4.57 -20.49
CA PHE A 464 -1.61 -3.27 -21.11
C PHE A 464 -2.93 -2.58 -21.36
N VAL A 465 -3.02 -1.28 -21.02
CA VAL A 465 -4.22 -0.47 -21.32
C VAL A 465 -3.93 0.60 -22.35
N ASP A 466 -4.69 0.57 -23.44
CA ASP A 466 -4.49 1.51 -24.54
C ASP A 466 -5.29 2.74 -24.26
N TYR A 467 -4.61 3.76 -23.73
CA TYR A 467 -5.25 5.01 -23.37
C TYR A 467 -5.74 5.78 -24.58
N LYS A 468 -5.23 5.40 -25.74
CA LYS A 468 -5.60 6.06 -27.00
C LYS A 468 -6.74 5.36 -27.78
N ASP A 469 -7.19 4.19 -27.28
CA ASP A 469 -8.25 3.36 -27.91
C ASP A 469 -9.29 2.87 -26.88
N ASN A 470 -9.95 3.84 -26.24
CA ASN A 470 -11.05 3.55 -25.32
C ASN A 470 -10.66 2.49 -24.29
N LEU A 471 -9.46 2.64 -23.72
CA LEU A 471 -8.99 1.83 -22.59
C LEU A 471 -9.01 0.34 -22.87
N LYS A 472 -8.77 -0.04 -24.12
CA LYS A 472 -8.70 -1.46 -24.46
C LYS A 472 -7.60 -2.19 -23.67
N ARG A 473 -7.97 -3.33 -23.10
CA ARG A 473 -7.00 -4.18 -22.35
C ARG A 473 -6.38 -5.23 -23.27
N TYR A 474 -5.04 -5.30 -23.27
CA TYR A 474 -4.29 -6.32 -24.03
C TYR A 474 -3.39 -7.07 -23.06
N PRO A 475 -3.31 -8.41 -23.21
CA PRO A 475 -2.46 -9.18 -22.29
C PRO A 475 -0.98 -9.01 -22.62
N LYS A 476 -0.19 -8.63 -21.63
CA LYS A 476 1.26 -8.64 -21.81
C LYS A 476 1.73 -10.09 -21.70
N ASN A 477 2.97 -10.36 -22.06
CA ASN A 477 3.48 -11.72 -21.97
C ASN A 477 3.38 -12.33 -20.57
N SER A 478 3.45 -11.49 -19.53
CA SER A 478 3.29 -11.99 -18.17
C SER A 478 1.95 -12.67 -17.89
N VAL A 479 0.89 -12.35 -18.65
CA VAL A 479 -0.44 -13.00 -18.44
C VAL A 479 -0.32 -14.52 -18.63
N GLN A 480 0.27 -14.93 -19.74
CA GLN A 480 0.54 -16.34 -20.05
C GLN A 480 1.44 -17.02 -19.02
N TRP A 481 2.47 -16.29 -18.59
CA TRP A 481 3.35 -16.76 -17.53
C TRP A 481 2.63 -17.04 -16.18
N PHE A 482 1.78 -16.11 -15.73
CA PHE A 482 0.95 -16.36 -14.55
C PHE A 482 -0.05 -17.51 -14.79
N LYS A 483 -0.72 -17.51 -15.94
CA LYS A 483 -1.63 -18.61 -16.26
C LYS A 483 -0.93 -19.99 -16.12
N ALA A 484 0.25 -20.10 -16.71
CA ALA A 484 1.05 -21.34 -16.57
C ALA A 484 1.48 -21.66 -15.13
N LEU A 485 1.96 -20.65 -14.40
CA LEU A 485 2.26 -20.81 -12.96
C LEU A 485 1.07 -21.37 -12.15
N LEU A 486 -0.13 -20.85 -12.42
CA LEU A 486 -1.30 -21.16 -11.60
C LEU A 486 -2.08 -22.40 -12.01
N LYS A 487 -1.67 -23.03 -13.10
CA LYS A 487 -2.33 -24.23 -13.60
C LYS A 487 -2.48 -25.32 -12.51
N THR A 488 -3.62 -26.00 -12.53
CA THR A 488 -3.85 -27.18 -11.68
C THR A 488 -4.27 -28.41 -12.49
C1 SOG B . 2.05 1.42 -3.49
C2 SOG B . 0.52 1.65 -3.46
C3 SOG B . -0.06 1.51 -4.87
C4 SOG B . 1.05 2.01 -5.80
C5 SOG B . 1.95 0.80 -5.92
C6 SOG B . 3.06 0.85 -6.97
C1' SOG B . 4.59 2.24 -3.35
C2' SOG B . 5.41 3.01 -2.32
C3' SOG B . 6.75 3.45 -2.88
C4' SOG B . 7.60 3.84 -1.69
C5' SOG B . 8.37 2.94 -1.06
C6' SOG B . 8.45 1.49 -1.51
C7' SOG B . 8.37 0.60 -0.28
C8' SOG B . 7.40 -0.53 -0.51
S1 SOG B . 2.97 2.96 -3.26
O2 SOG B . -0.14 0.75 -2.54
O3 SOG B . -1.27 2.26 -4.95
O4 SOG B . 0.64 2.54 -7.06
O5 SOG B . 2.50 0.61 -4.62
O6 SOG B . 3.90 1.99 -6.76
C1 GOL C . 12.21 8.58 6.62
O1 GOL C . 11.92 9.58 5.67
C2 GOL C . 10.99 7.68 6.68
O2 GOL C . 10.86 7.09 5.40
C3 GOL C . 11.09 6.65 7.82
O3 GOL C . 10.33 7.01 8.99
C1 GOL D . 2.61 1.54 -26.98
O1 GOL D . 3.78 1.63 -26.22
C2 GOL D . 2.15 2.93 -27.34
O2 GOL D . 1.00 2.82 -28.14
C3 GOL D . 1.78 3.62 -26.02
O3 GOL D . 2.05 5.01 -26.06
C1 GOL E . -10.76 -18.47 -10.75
O1 GOL E . -9.69 -18.05 -11.59
C2 GOL E . -11.04 -19.97 -10.87
O2 GOL E . -9.99 -20.64 -11.55
C3 GOL E . -11.18 -20.59 -9.49
O3 GOL E . -9.94 -20.51 -8.83
C1 GOL F . -5.83 8.28 -19.95
O1 GOL F . -5.03 9.11 -20.75
C2 GOL F . -7.31 8.63 -20.16
O2 GOL F . -7.49 10.03 -20.05
C3 GOL F . -8.26 7.93 -19.17
O3 GOL F . -7.49 7.16 -18.31
#